data_9GRP
#
_entry.id   9GRP
#
_cell.length_a   167.740
_cell.length_b   167.740
_cell.length_c   51.670
_cell.angle_alpha   90.000
_cell.angle_beta   90.000
_cell.angle_gamma   120.000
#
_symmetry.space_group_name_H-M   'P 31 2 1'
#
loop_
_entity.id
_entity.type
_entity.pdbx_description
1 polymer "2'-O-methyltransferase nsp16"
2 polymer 'Non-structural protein 10'
3 non-polymer S-ADENOSYLMETHIONINE
4 non-polymer 1,2-ETHANEDIOL
5 non-polymer '2-(N-MORPHOLINO)-ETHANESULFONIC ACID'
6 non-polymer 7-(2-chloroethyl)-1,3-dimethyl-purine-2,6-dione
7 non-polymer 'ZINC ION'
8 non-polymer IMIDAZOLE
9 water water
#
loop_
_entity_poly.entity_id
_entity_poly.type
_entity_poly.pdbx_seq_one_letter_code
_entity_poly.pdbx_strand_id
1 'polypeptide(L)'
;SSQAWQPGVAMPNLYKMQRMLLEKCDLQNYGDSATLPKGIMMNVAKYTQLCQYLNTLTLAVPYNMRVIHFGAGSDKGVAP
GTAVLRQWLPTGTLLVDSDLNDFVSDADSTLIGDCATVHTANKWDLIISDMYDPKTKNVTKENDSKEGFFTYICGFIQQK
LALGGSVAIKITEHSWNADLYKLMGHFAWWTAFVTNVNASSSEAFLIGCNYLGKPREQIDGYVMHANYIFWRNTNPIQLS
SYSLFDMSKFPLKLRGTAVMSLKEGQINDMILSLLSKGRLIIRENNRVVISSDVLVNNENLYFQ
;
A
2 'polypeptide(L)'
;GAGNATEVPANSTVLSFCAFAVDAAKAYKDYLASGGQPITNCVKMLCTHTGTGQAITVTPEANMDQESFGGASCCLYCRC
HIDHPNPKGFCDLKGKYVQIPTTCANDPVGFTLKNTVCTVCGMWKGYGCSCDQLREPMLQ
;
B
#
# COMPACT_ATOMS: atom_id res chain seq x y z
N SER A 1 27.66 -8.36 -1.63
CA SER A 1 27.05 -7.04 -1.45
C SER A 1 26.19 -6.98 -0.19
N SER A 2 26.13 -5.78 0.40
CA SER A 2 25.26 -5.49 1.53
C SER A 2 23.79 -5.27 1.11
N GLN A 3 23.44 -5.56 -0.15
N GLN A 3 23.44 -5.57 -0.15
CA GLN A 3 22.07 -5.39 -0.62
CA GLN A 3 22.07 -5.37 -0.60
C GLN A 3 21.08 -6.27 0.13
C GLN A 3 21.08 -6.26 0.14
N ALA A 4 21.54 -7.39 0.68
CA ALA A 4 20.63 -8.27 1.42
C ALA A 4 20.06 -7.59 2.65
N TRP A 5 20.76 -6.60 3.22
CA TRP A 5 20.27 -5.93 4.42
C TRP A 5 19.48 -4.66 4.11
N GLN A 6 19.30 -4.32 2.85
CA GLN A 6 18.44 -3.23 2.41
C GLN A 6 17.02 -3.75 2.20
N PRO A 7 16.02 -2.86 2.11
CA PRO A 7 14.66 -3.34 1.78
C PRO A 7 14.55 -3.91 0.38
N GLY A 8 15.42 -3.49 -0.53
CA GLY A 8 15.40 -3.99 -1.89
C GLY A 8 16.49 -3.30 -2.69
N VAL A 9 16.35 -3.31 -4.01
CA VAL A 9 17.35 -2.73 -4.90
C VAL A 9 16.68 -1.80 -5.89
N ALA A 10 17.25 -0.61 -6.07
CA ALA A 10 16.78 0.33 -7.08
C ALA A 10 17.61 0.20 -8.36
N MET A 11 16.95 0.43 -9.49
CA MET A 11 17.63 0.36 -10.78
C MET A 11 18.80 1.34 -10.81
N PRO A 12 20.04 0.89 -10.99
CA PRO A 12 21.17 1.84 -11.00
C PRO A 12 21.09 2.79 -12.19
N ASN A 13 21.49 4.04 -11.95
CA ASN A 13 21.33 5.09 -12.95
C ASN A 13 21.96 4.72 -14.29
N LEU A 14 23.08 3.99 -14.28
CA LEU A 14 23.71 3.69 -15.57
C LEU A 14 22.82 2.80 -16.43
N TYR A 15 22.00 1.95 -15.81
CA TYR A 15 21.06 1.15 -16.61
C TYR A 15 19.97 2.03 -17.21
N LYS A 16 19.60 3.11 -16.53
CA LYS A 16 18.60 4.01 -17.07
C LYS A 16 19.07 4.68 -18.35
N MET A 17 20.37 4.83 -18.54
CA MET A 17 20.92 5.59 -19.65
C MET A 17 21.21 4.74 -20.87
N GLN A 18 20.86 3.47 -20.85
CA GLN A 18 21.20 2.62 -21.96
C GLN A 18 20.14 2.69 -23.04
N ARG A 19 20.43 2.04 -24.17
N ARG A 19 20.42 2.03 -24.16
CA ARG A 19 19.46 1.91 -25.25
CA ARG A 19 19.47 1.90 -25.24
C ARG A 19 19.32 0.43 -25.61
C ARG A 19 19.33 0.42 -25.61
N MET A 20 18.83 -0.39 -24.68
CA MET A 20 18.71 -1.82 -24.92
C MET A 20 17.48 -2.12 -25.77
N LEU A 21 17.50 -3.28 -26.42
CA LEU A 21 16.31 -3.86 -27.03
C LEU A 21 15.63 -4.80 -26.03
N LEU A 22 14.30 -4.89 -26.13
CA LEU A 22 13.52 -5.68 -25.20
C LEU A 22 13.81 -7.17 -25.38
N GLU A 23 14.11 -7.84 -24.28
CA GLU A 23 14.35 -9.27 -24.30
C GLU A 23 13.40 -9.95 -23.32
N LYS A 24 13.37 -11.28 -23.40
CA LYS A 24 12.66 -12.07 -22.40
C LYS A 24 13.31 -11.88 -21.03
N CYS A 25 12.50 -11.84 -19.98
CA CYS A 25 13.04 -11.76 -18.63
C CYS A 25 13.33 -13.17 -18.13
N ASP A 26 14.58 -13.42 -17.75
CA ASP A 26 15.06 -14.74 -17.33
C ASP A 26 15.83 -14.54 -16.02
N LEU A 27 15.12 -14.68 -14.90
CA LEU A 27 15.73 -14.51 -13.58
C LEU A 27 16.37 -15.80 -13.12
N GLN A 28 17.64 -15.71 -12.71
CA GLN A 28 18.37 -16.86 -12.20
C GLN A 28 17.69 -17.46 -10.97
N ASN A 29 17.18 -16.64 -10.05
N ASN A 29 17.18 -16.61 -10.08
CA ASN A 29 16.56 -17.18 -8.85
CA ASN A 29 16.55 -17.04 -8.84
C ASN A 29 15.05 -17.36 -8.99
C ASN A 29 15.03 -17.23 -9.00
N TYR A 30 14.57 -17.52 -10.22
CA TYR A 30 13.13 -17.63 -10.48
C TYR A 30 12.52 -18.86 -9.81
N GLY A 31 11.42 -18.65 -9.10
CA GLY A 31 10.72 -19.74 -8.44
C GLY A 31 11.12 -19.96 -6.99
N ASP A 32 12.29 -19.48 -6.58
CA ASP A 32 12.64 -19.42 -5.16
C ASP A 32 11.71 -18.46 -4.42
N SER A 33 11.68 -18.62 -3.11
CA SER A 33 10.90 -17.74 -2.25
C SER A 33 11.74 -17.37 -1.04
N ALA A 34 11.54 -16.14 -0.55
CA ALA A 34 12.15 -15.72 0.69
C ALA A 34 11.46 -16.38 1.88
N THR A 35 12.22 -16.58 2.95
CA THR A 35 11.69 -17.09 4.21
C THR A 35 11.09 -15.92 4.98
N LEU A 36 9.79 -15.87 5.05
CA LEU A 36 9.09 -14.80 5.73
C LEU A 36 9.04 -15.05 7.24
N PRO A 37 9.05 -14.00 8.05
CA PRO A 37 8.86 -14.19 9.49
C PRO A 37 7.54 -14.93 9.75
N LYS A 38 7.50 -15.63 10.88
CA LYS A 38 6.38 -16.51 11.17
C LYS A 38 5.05 -15.78 11.07
N GLY A 39 4.15 -16.32 10.23
CA GLY A 39 2.81 -15.80 10.09
C GLY A 39 2.65 -14.51 9.32
N ILE A 40 3.70 -14.03 8.63
CA ILE A 40 3.65 -12.81 7.84
C ILE A 40 3.37 -13.17 6.38
N MET A 41 2.35 -12.52 5.78
CA MET A 41 2.00 -12.67 4.36
C MET A 41 3.00 -11.97 3.45
N MET A 42 3.15 -12.50 2.24
CA MET A 42 4.02 -11.88 1.24
C MET A 42 3.67 -10.41 1.01
N ASN A 43 2.39 -10.06 0.97
CA ASN A 43 2.06 -8.68 0.64
C ASN A 43 2.32 -7.72 1.79
N VAL A 44 2.21 -8.18 3.04
CA VAL A 44 2.64 -7.33 4.14
C VAL A 44 4.13 -7.05 4.04
N ALA A 45 4.92 -8.10 3.79
CA ALA A 45 6.36 -7.94 3.66
C ALA A 45 6.72 -7.08 2.45
N LYS A 46 6.00 -7.27 1.33
CA LYS A 46 6.33 -6.54 0.11
C LYS A 46 6.11 -5.05 0.29
N TYR A 47 4.93 -4.68 0.81
CA TYR A 47 4.63 -3.27 1.06
C TYR A 47 5.51 -2.69 2.16
N THR A 48 5.87 -3.49 3.16
CA THR A 48 6.77 -2.99 4.18
C THR A 48 8.11 -2.57 3.58
N GLN A 49 8.68 -3.42 2.71
CA GLN A 49 9.96 -3.08 2.10
C GLN A 49 9.81 -1.89 1.14
N LEU A 50 8.68 -1.80 0.44
CA LEU A 50 8.44 -0.62 -0.40
C LEU A 50 8.44 0.64 0.43
N CYS A 51 7.76 0.61 1.59
CA CYS A 51 7.72 1.80 2.43
C CYS A 51 9.09 2.09 3.05
N GLN A 52 9.83 1.04 3.45
CA GLN A 52 11.17 1.28 3.96
C GLN A 52 12.02 1.98 2.91
N TYR A 53 11.84 1.63 1.63
CA TYR A 53 12.61 2.30 0.60
C TYR A 53 12.12 3.73 0.38
N LEU A 54 10.80 3.96 0.42
CA LEU A 54 10.29 5.30 0.25
C LEU A 54 10.76 6.23 1.37
N ASN A 55 11.07 5.67 2.54
CA ASN A 55 11.63 6.45 3.62
C ASN A 55 12.98 7.07 3.27
N THR A 56 13.64 6.59 2.22
CA THR A 56 14.96 7.12 1.87
C THR A 56 14.88 8.20 0.81
N LEU A 57 13.70 8.48 0.28
CA LEU A 57 13.51 9.47 -0.76
C LEU A 57 13.01 10.77 -0.16
N THR A 58 12.92 11.79 -1.00
CA THR A 58 12.49 13.11 -0.55
C THR A 58 10.98 13.31 -0.77
N LEU A 59 10.19 12.41 -0.18
CA LEU A 59 8.73 12.55 -0.23
C LEU A 59 8.26 13.78 0.53
N ALA A 60 7.30 14.49 -0.05
CA ALA A 60 6.59 15.53 0.66
C ALA A 60 5.59 14.90 1.63
N VAL A 61 5.55 15.39 2.87
CA VAL A 61 4.63 14.82 3.86
C VAL A 61 3.90 15.97 4.56
N PRO A 62 2.85 16.49 3.95
CA PRO A 62 2.13 17.62 4.54
C PRO A 62 1.24 17.16 5.68
N TYR A 63 0.81 18.15 6.49
CA TYR A 63 -0.37 17.95 7.30
C TYR A 63 -1.56 17.71 6.39
N ASN A 64 -2.49 16.87 6.85
N ASN A 64 -2.51 16.90 6.84
CA ASN A 64 -3.67 16.47 6.10
CA ASN A 64 -3.69 16.52 6.04
C ASN A 64 -3.28 15.89 4.75
C ASN A 64 -3.26 15.91 4.71
N MET A 65 -2.32 14.97 4.79
CA MET A 65 -1.83 14.29 3.61
C MET A 65 -2.93 13.40 3.01
N ARG A 66 -2.90 13.26 1.68
CA ARG A 66 -3.93 12.53 0.96
C ARG A 66 -3.28 11.46 0.11
N VAL A 67 -3.61 10.20 0.39
CA VAL A 67 -3.00 9.05 -0.26
C VAL A 67 -4.11 8.19 -0.84
N ILE A 68 -3.94 7.75 -2.09
CA ILE A 68 -4.89 6.87 -2.75
C ILE A 68 -4.16 5.63 -3.21
N HIS A 69 -4.80 4.48 -3.02
CA HIS A 69 -4.20 3.15 -3.21
C HIS A 69 -5.06 2.30 -4.14
N PHE A 70 -4.59 2.06 -5.36
CA PHE A 70 -5.33 1.28 -6.34
C PHE A 70 -4.89 -0.17 -6.33
N GLY A 71 -5.81 -1.06 -6.66
CA GLY A 71 -5.52 -2.48 -6.61
C GLY A 71 -5.27 -3.00 -5.21
N ALA A 72 -6.07 -2.57 -4.23
CA ALA A 72 -5.80 -2.81 -2.83
C ALA A 72 -6.39 -4.11 -2.29
N GLY A 73 -7.26 -4.78 -3.03
CA GLY A 73 -7.86 -6.00 -2.56
C GLY A 73 -7.05 -7.24 -2.92
N SER A 74 -7.21 -8.29 -2.10
CA SER A 74 -6.52 -9.55 -2.29
C SER A 74 -7.52 -10.66 -2.56
N ASP A 75 -7.00 -11.81 -3.01
CA ASP A 75 -7.79 -13.02 -3.13
C ASP A 75 -8.48 -13.42 -1.84
N LYS A 76 -8.04 -12.88 -0.70
CA LYS A 76 -8.59 -13.27 0.58
C LYS A 76 -9.68 -12.33 1.07
N GLY A 77 -10.01 -11.28 0.32
CA GLY A 77 -11.04 -10.34 0.72
C GLY A 77 -10.60 -9.28 1.70
N VAL A 78 -9.30 -9.15 1.94
CA VAL A 78 -8.76 -8.16 2.85
C VAL A 78 -7.77 -7.28 2.09
N ALA A 79 -7.12 -6.35 2.78
CA ALA A 79 -6.26 -5.35 2.14
C ALA A 79 -4.95 -5.23 2.92
N PRO A 80 -4.03 -6.16 2.74
CA PRO A 80 -2.77 -6.11 3.51
C PRO A 80 -1.93 -4.89 3.19
N GLY A 81 -1.77 -4.56 1.91
CA GLY A 81 -1.02 -3.36 1.55
C GLY A 81 -1.59 -2.11 2.17
N THR A 82 -2.92 -1.99 2.20
CA THR A 82 -3.51 -0.82 2.83
C THR A 82 -3.14 -0.74 4.30
N ALA A 83 -3.17 -1.87 5.00
CA ALA A 83 -2.83 -1.88 6.42
C ALA A 83 -1.39 -1.44 6.64
N VAL A 84 -0.47 -1.86 5.76
CA VAL A 84 0.91 -1.41 5.90
C VAL A 84 1.01 0.09 5.61
N LEU A 85 0.36 0.55 4.54
CA LEU A 85 0.38 1.98 4.22
C LEU A 85 -0.13 2.81 5.38
N ARG A 86 -1.22 2.36 6.01
CA ARG A 86 -1.77 3.13 7.12
C ARG A 86 -0.83 3.14 8.32
N GLN A 87 -0.19 2.01 8.61
CA GLN A 87 0.85 1.98 9.62
C GLN A 87 2.00 2.93 9.28
N TRP A 88 2.43 2.93 8.03
CA TRP A 88 3.57 3.76 7.62
C TRP A 88 3.23 5.25 7.67
N LEU A 89 2.08 5.63 7.11
CA LEU A 89 1.71 7.03 6.98
C LEU A 89 1.40 7.64 8.34
N PRO A 90 1.66 8.94 8.50
CA PRO A 90 1.32 9.60 9.77
C PRO A 90 -0.14 9.39 10.14
N THR A 91 -0.40 9.32 11.44
CA THR A 91 -1.76 9.13 11.90
C THR A 91 -2.63 10.33 11.50
N GLY A 92 -3.81 10.04 10.97
CA GLY A 92 -4.68 11.07 10.46
C GLY A 92 -4.61 11.27 8.96
N THR A 93 -3.64 10.63 8.31
CA THR A 93 -3.52 10.70 6.85
C THR A 93 -4.75 10.13 6.19
N LEU A 94 -5.37 10.90 5.30
CA LEU A 94 -6.51 10.39 4.54
C LEU A 94 -6.03 9.33 3.56
N LEU A 95 -6.56 8.12 3.71
CA LEU A 95 -6.18 7.00 2.89
C LEU A 95 -7.45 6.47 2.21
N VAL A 96 -7.44 6.45 0.88
CA VAL A 96 -8.52 5.90 0.09
C VAL A 96 -7.96 4.71 -0.68
N ASP A 97 -8.69 3.61 -0.74
CA ASP A 97 -8.25 2.51 -1.59
C ASP A 97 -9.38 1.99 -2.47
N SER A 98 -8.99 1.18 -3.45
CA SER A 98 -9.90 0.78 -4.51
C SER A 98 -9.47 -0.56 -5.07
N ASP A 99 -10.46 -1.31 -5.56
CA ASP A 99 -10.19 -2.51 -6.31
C ASP A 99 -11.45 -2.93 -7.06
N LEU A 100 -11.22 -3.78 -8.07
CA LEU A 100 -12.29 -4.30 -8.91
C LEU A 100 -13.28 -5.14 -8.10
N ASN A 101 -12.80 -5.90 -7.13
CA ASN A 101 -13.67 -6.80 -6.38
C ASN A 101 -13.75 -6.39 -4.92
N ASP A 102 -14.82 -6.85 -4.28
CA ASP A 102 -15.12 -6.46 -2.91
C ASP A 102 -14.04 -6.93 -1.95
N PHE A 103 -13.72 -6.08 -0.96
CA PHE A 103 -12.77 -6.47 0.07
C PHE A 103 -12.96 -5.59 1.30
N VAL A 104 -12.41 -6.07 2.40
CA VAL A 104 -12.53 -5.44 3.71
C VAL A 104 -11.25 -4.66 3.98
N SER A 105 -11.37 -3.40 4.38
CA SER A 105 -10.21 -2.52 4.36
C SER A 105 -10.15 -1.63 5.59
N ASP A 106 -8.94 -1.22 5.95
CA ASP A 106 -8.71 -0.20 6.96
C ASP A 106 -8.65 1.21 6.39
N ALA A 107 -8.86 1.38 5.09
CA ALA A 107 -8.83 2.72 4.52
C ALA A 107 -10.00 3.55 5.04
N ASP A 108 -9.85 4.87 4.95
CA ASP A 108 -10.92 5.76 5.37
C ASP A 108 -12.12 5.68 4.45
N SER A 109 -11.90 5.37 3.16
CA SER A 109 -12.97 5.06 2.24
C SER A 109 -12.44 4.08 1.21
N THR A 110 -13.33 3.22 0.74
CA THR A 110 -13.00 2.17 -0.23
C THR A 110 -13.98 2.26 -1.38
N LEU A 111 -13.47 2.29 -2.61
CA LEU A 111 -14.29 2.28 -3.81
C LEU A 111 -14.12 0.94 -4.50
N ILE A 112 -15.23 0.27 -4.79
CA ILE A 112 -15.22 -1.01 -5.48
C ILE A 112 -15.69 -0.80 -6.91
N GLY A 113 -14.89 -1.26 -7.86
CA GLY A 113 -15.20 -1.15 -9.27
C GLY A 113 -13.93 -1.04 -10.08
N ASP A 114 -14.09 -1.03 -11.40
CA ASP A 114 -12.95 -0.77 -12.27
C ASP A 114 -12.38 0.61 -11.97
N CYS A 115 -11.05 0.73 -11.97
CA CYS A 115 -10.43 1.99 -11.59
C CYS A 115 -10.87 3.14 -12.48
N ALA A 116 -11.29 2.85 -13.71
CA ALA A 116 -11.75 3.91 -14.60
C ALA A 116 -13.05 4.53 -14.12
N THR A 117 -13.78 3.87 -13.23
CA THR A 117 -14.98 4.46 -12.64
C THR A 117 -14.65 5.42 -11.48
N VAL A 118 -13.40 5.48 -11.04
CA VAL A 118 -13.04 6.28 -9.86
C VAL A 118 -12.79 7.71 -10.29
N HIS A 119 -13.48 8.64 -9.62
CA HIS A 119 -13.33 10.07 -9.80
C HIS A 119 -13.13 10.75 -8.44
N THR A 120 -12.26 11.74 -8.42
N THR A 120 -12.23 11.73 -8.40
CA THR A 120 -12.06 12.52 -7.21
CA THR A 120 -12.01 12.51 -7.19
C THR A 120 -12.06 13.99 -7.55
C THR A 120 -12.02 13.99 -7.55
N ALA A 121 -12.57 14.80 -6.64
CA ALA A 121 -12.57 16.23 -6.84
C ALA A 121 -11.20 16.81 -6.55
N ASN A 122 -10.45 16.17 -5.65
N ASN A 122 -10.44 16.16 -5.67
CA ASN A 122 -9.23 16.71 -5.06
CA ASN A 122 -9.23 16.73 -5.12
C ASN A 122 -7.98 16.07 -5.67
C ASN A 122 -7.98 16.11 -5.75
N LYS A 123 -6.85 16.70 -5.42
CA LYS A 123 -5.55 16.19 -5.81
C LYS A 123 -4.95 15.39 -4.67
N TRP A 124 -3.94 14.60 -4.99
CA TRP A 124 -3.38 13.64 -4.05
C TRP A 124 -1.88 13.88 -3.88
N ASP A 125 -1.39 13.55 -2.68
CA ASP A 125 0.02 13.70 -2.37
C ASP A 125 0.82 12.44 -2.66
N LEU A 126 0.16 11.30 -2.79
CA LEU A 126 0.84 10.03 -3.00
C LEU A 126 -0.14 9.07 -3.62
N ILE A 127 0.25 8.45 -4.74
CA ILE A 127 -0.55 7.45 -5.44
C ILE A 127 0.22 6.14 -5.42
N ILE A 128 -0.40 5.11 -4.87
CA ILE A 128 0.16 3.76 -4.83
C ILE A 128 -0.75 2.86 -5.67
N SER A 129 -0.16 2.07 -6.54
CA SER A 129 -0.94 1.12 -7.34
C SER A 129 -0.28 -0.24 -7.32
N ASP A 130 -1.07 -1.25 -6.96
CA ASP A 130 -0.68 -2.64 -7.10
C ASP A 130 -1.57 -3.36 -8.11
N MET A 131 -2.22 -2.60 -8.99
CA MET A 131 -3.06 -3.20 -10.01
C MET A 131 -2.23 -4.11 -10.89
N TYR A 132 -2.80 -5.26 -11.20
CA TYR A 132 -2.11 -6.32 -11.92
C TYR A 132 -3.11 -7.32 -12.44
N ASP A 133 -3.01 -7.65 -13.72
CA ASP A 133 -3.82 -8.71 -14.31
C ASP A 133 -2.89 -9.87 -14.63
N PRO A 134 -3.02 -11.00 -13.94
CA PRO A 134 -2.09 -12.13 -14.20
C PRO A 134 -2.29 -12.75 -15.58
N LYS A 135 -3.39 -12.44 -16.26
CA LYS A 135 -3.55 -12.85 -17.65
C LYS A 135 -2.57 -12.15 -18.59
N THR A 136 -1.70 -11.26 -18.09
CA THR A 136 -0.68 -10.66 -18.95
C THR A 136 0.60 -11.51 -19.01
N LYS A 137 0.81 -12.40 -18.05
CA LYS A 137 1.96 -13.31 -18.06
C LYS A 137 1.84 -14.36 -19.17
N ASN A 138 1.75 -13.92 -20.43
CA ASN A 138 1.65 -14.82 -21.58
C ASN A 138 3.01 -14.79 -22.29
N VAL A 139 3.83 -15.82 -22.02
CA VAL A 139 5.17 -15.90 -22.58
C VAL A 139 5.20 -16.25 -24.07
N THR A 140 4.07 -16.66 -24.65
CA THR A 140 4.02 -17.12 -26.04
C THR A 140 3.65 -16.03 -27.05
N LYS A 141 3.34 -14.81 -26.60
CA LYS A 141 3.00 -13.71 -27.50
C LYS A 141 3.89 -12.51 -27.23
N GLU A 142 3.99 -11.64 -28.25
CA GLU A 142 4.85 -10.47 -28.15
C GLU A 142 4.48 -9.60 -26.98
N ASN A 143 5.46 -8.91 -26.42
CA ASN A 143 5.30 -8.17 -25.18
C ASN A 143 5.23 -6.67 -25.51
N ASP A 144 4.02 -6.20 -25.82
CA ASP A 144 3.78 -4.80 -26.16
C ASP A 144 3.41 -3.98 -24.92
N SER A 145 3.54 -2.67 -25.07
CA SER A 145 3.08 -1.76 -24.02
C SER A 145 1.59 -2.02 -23.79
N LYS A 146 1.19 -2.06 -22.52
CA LYS A 146 -0.18 -2.41 -22.17
C LYS A 146 -1.00 -1.16 -21.89
N GLU A 147 -2.29 -1.21 -22.21
CA GLU A 147 -3.15 -0.07 -21.89
C GLU A 147 -3.98 -0.36 -20.65
N GLY A 148 -5.29 -0.59 -20.81
CA GLY A 148 -6.11 -0.95 -19.67
C GLY A 148 -5.99 0.05 -18.54
N PHE A 149 -5.69 -0.44 -17.34
CA PHE A 149 -5.63 0.45 -16.18
C PHE A 149 -4.43 1.38 -16.22
N PHE A 150 -3.40 1.08 -17.01
CA PHE A 150 -2.27 2.00 -17.14
C PHE A 150 -2.67 3.28 -17.83
N THR A 151 -3.58 3.20 -18.81
CA THR A 151 -4.08 4.42 -19.42
C THR A 151 -4.75 5.29 -18.38
N TYR A 152 -5.57 4.68 -17.51
CA TYR A 152 -6.20 5.44 -16.44
C TYR A 152 -5.16 6.07 -15.52
N ILE A 153 -4.13 5.31 -15.13
CA ILE A 153 -3.15 5.79 -14.18
C ILE A 153 -2.36 6.99 -14.72
N CYS A 154 -1.95 6.93 -15.99
CA CYS A 154 -1.28 8.09 -16.58
C CYS A 154 -2.17 9.33 -16.53
N GLY A 155 -3.43 9.18 -16.90
CA GLY A 155 -4.33 10.32 -16.84
C GLY A 155 -4.55 10.80 -15.41
N PHE A 156 -4.70 9.86 -14.48
CA PHE A 156 -4.92 10.22 -13.09
C PHE A 156 -3.72 10.99 -12.53
N ILE A 157 -2.51 10.55 -12.86
CA ILE A 157 -1.32 11.26 -12.38
C ILE A 157 -1.30 12.69 -12.91
N GLN A 158 -1.47 12.85 -14.24
CA GLN A 158 -1.38 14.17 -14.82
C GLN A 158 -2.49 15.10 -14.35
N GLN A 159 -3.66 14.56 -14.01
CA GLN A 159 -4.78 15.41 -13.65
C GLN A 159 -4.97 15.60 -12.15
N LYS A 160 -4.51 14.65 -11.34
CA LYS A 160 -4.90 14.62 -9.95
C LYS A 160 -3.74 14.44 -8.97
N LEU A 161 -2.50 14.40 -9.44
CA LEU A 161 -1.36 14.35 -8.53
C LEU A 161 -0.88 15.77 -8.25
N ALA A 162 -0.85 16.14 -6.98
CA ALA A 162 -0.31 17.44 -6.61
C ALA A 162 1.14 17.58 -7.07
N LEU A 163 1.51 18.78 -7.50
CA LEU A 163 2.91 19.07 -7.72
C LEU A 163 3.69 18.82 -6.44
N GLY A 164 4.82 18.13 -6.57
CA GLY A 164 5.58 17.73 -5.42
C GLY A 164 5.23 16.37 -4.89
N GLY A 165 4.10 15.80 -5.35
CA GLY A 165 3.71 14.48 -4.91
C GLY A 165 4.49 13.36 -5.57
N SER A 166 4.26 12.15 -5.10
CA SER A 166 5.03 11.00 -5.56
C SER A 166 4.09 9.84 -5.87
N VAL A 167 4.61 8.91 -6.68
CA VAL A 167 3.86 7.71 -7.06
C VAL A 167 4.76 6.48 -6.94
N ALA A 168 4.12 5.33 -6.72
CA ALA A 168 4.76 4.03 -6.79
C ALA A 168 3.77 3.09 -7.46
N ILE A 169 4.10 2.62 -8.67
CA ILE A 169 3.19 1.89 -9.54
C ILE A 169 3.79 0.53 -9.87
N LYS A 170 3.06 -0.54 -9.57
CA LYS A 170 3.60 -1.88 -9.78
C LYS A 170 3.61 -2.25 -11.27
N ILE A 171 4.76 -2.73 -11.73
CA ILE A 171 4.92 -3.25 -13.08
C ILE A 171 5.54 -4.64 -12.98
N THR A 172 5.53 -5.36 -14.10
CA THR A 172 6.23 -6.63 -14.25
C THR A 172 6.82 -6.64 -15.64
N GLU A 173 7.44 -7.77 -16.02
CA GLU A 173 7.93 -7.94 -17.38
C GLU A 173 6.85 -7.68 -18.42
N HIS A 174 5.64 -8.18 -18.19
CA HIS A 174 4.56 -8.06 -19.16
C HIS A 174 3.54 -6.99 -18.81
N SER A 175 3.48 -6.57 -17.55
CA SER A 175 2.51 -5.58 -17.10
C SER A 175 3.21 -4.24 -16.98
N TRP A 176 3.20 -3.47 -18.06
CA TRP A 176 3.91 -2.20 -18.14
C TRP A 176 3.30 -1.37 -19.25
N ASN A 177 3.69 -0.10 -19.30
CA ASN A 177 3.12 0.86 -20.24
C ASN A 177 4.18 1.90 -20.57
N ALA A 178 4.39 2.17 -21.86
CA ALA A 178 5.47 3.05 -22.26
C ALA A 178 5.24 4.48 -21.80
N ASP A 179 3.99 4.95 -21.82
CA ASP A 179 3.68 6.32 -21.39
C ASP A 179 3.92 6.53 -19.91
N LEU A 180 3.74 5.48 -19.11
CA LEU A 180 4.01 5.61 -17.70
C LEU A 180 5.50 5.84 -17.45
N TYR A 181 6.37 5.16 -18.20
CA TYR A 181 7.80 5.46 -18.11
C TYR A 181 8.11 6.89 -18.56
N LYS A 182 7.48 7.32 -19.67
CA LYS A 182 7.64 8.69 -20.13
C LYS A 182 7.28 9.68 -19.04
N LEU A 183 6.23 9.36 -18.28
CA LEU A 183 5.75 10.24 -17.23
C LEU A 183 6.74 10.32 -16.06
N MET A 184 7.49 9.25 -15.79
CA MET A 184 8.58 9.34 -14.82
C MET A 184 9.52 10.50 -15.10
N GLY A 185 9.67 10.88 -16.37
CA GLY A 185 10.49 12.04 -16.67
C GLY A 185 9.85 13.36 -16.30
N HIS A 186 8.63 13.35 -15.75
CA HIS A 186 7.95 14.53 -15.24
C HIS A 186 8.10 14.69 -13.74
N PHE A 187 8.89 13.85 -13.11
CA PHE A 187 9.25 13.95 -11.71
C PHE A 187 10.70 14.41 -11.61
N ALA A 188 11.06 14.91 -10.43
CA ALA A 188 12.44 15.35 -10.21
C ALA A 188 13.40 14.17 -10.17
N TRP A 189 12.90 12.96 -9.89
CA TRP A 189 13.70 11.75 -9.87
C TRP A 189 12.75 10.56 -9.98
N TRP A 190 13.26 9.45 -10.52
CA TRP A 190 12.47 8.25 -10.67
C TRP A 190 13.39 7.05 -10.59
N THR A 191 12.81 5.89 -10.27
CA THR A 191 13.53 4.63 -10.33
C THR A 191 12.53 3.50 -10.51
N ALA A 192 13.07 2.29 -10.68
CA ALA A 192 12.32 1.04 -10.56
C ALA A 192 12.89 0.31 -9.36
N PHE A 193 12.03 -0.04 -8.40
CA PHE A 193 12.47 -0.61 -7.14
C PHE A 193 11.97 -2.04 -7.01
N VAL A 194 12.89 -2.96 -6.72
CA VAL A 194 12.56 -4.37 -6.56
C VAL A 194 12.67 -4.69 -5.08
N THR A 195 11.58 -5.19 -4.49
CA THR A 195 11.65 -5.60 -3.09
C THR A 195 12.48 -6.87 -2.95
N ASN A 196 13.28 -6.92 -1.88
CA ASN A 196 14.13 -8.08 -1.64
C ASN A 196 13.33 -9.34 -1.35
N VAL A 197 12.12 -9.22 -0.76
CA VAL A 197 11.31 -10.42 -0.53
C VAL A 197 10.75 -10.99 -1.82
N ASN A 198 10.65 -10.19 -2.89
CA ASN A 198 10.05 -10.67 -4.13
C ASN A 198 11.04 -10.63 -5.30
N ALA A 199 12.34 -10.72 -4.99
CA ALA A 199 13.40 -10.52 -5.97
C ALA A 199 13.44 -11.61 -7.02
N SER A 200 12.79 -12.74 -6.79
CA SER A 200 12.69 -13.80 -7.78
C SER A 200 11.69 -13.49 -8.88
N SER A 201 10.99 -12.37 -8.79
CA SER A 201 9.96 -12.02 -9.76
C SER A 201 10.36 -10.76 -10.53
N SER A 202 9.84 -10.62 -11.76
CA SER A 202 10.13 -9.44 -12.58
C SER A 202 9.35 -8.21 -12.11
N GLU A 203 8.52 -8.36 -11.08
CA GLU A 203 7.86 -7.22 -10.47
C GLU A 203 8.84 -6.13 -10.05
N ALA A 204 8.41 -4.88 -10.25
CA ALA A 204 9.06 -3.72 -9.67
C ALA A 204 8.00 -2.68 -9.44
N PHE A 205 8.32 -1.74 -8.57
CA PHE A 205 7.52 -0.54 -8.41
C PHE A 205 8.22 0.59 -9.15
N LEU A 206 7.55 1.14 -10.16
N LEU A 206 7.51 1.22 -10.08
CA LEU A 206 8.01 2.38 -10.77
CA LEU A 206 8.01 2.39 -10.81
C LEU A 206 7.70 3.53 -9.82
C LEU A 206 7.69 3.64 -9.99
N ILE A 207 8.72 4.27 -9.44
CA ILE A 207 8.57 5.33 -8.45
C ILE A 207 8.94 6.66 -9.07
N GLY A 208 8.00 7.60 -9.07
CA GLY A 208 8.29 8.96 -9.47
C GLY A 208 8.30 9.80 -8.23
N CYS A 209 9.42 10.48 -7.98
CA CYS A 209 9.61 11.21 -6.73
C CYS A 209 9.53 12.73 -6.99
N ASN A 210 8.50 13.38 -6.42
CA ASN A 210 8.25 14.83 -6.53
C ASN A 210 7.86 15.27 -7.94
N TYR A 211 6.55 15.32 -8.18
CA TYR A 211 5.98 15.60 -9.49
C TYR A 211 6.16 17.07 -9.86
N LEU A 212 6.62 17.33 -11.09
CA LEU A 212 6.89 18.69 -11.54
C LEU A 212 5.84 19.21 -12.51
N GLY A 213 4.92 18.36 -12.96
CA GLY A 213 3.86 18.78 -13.86
C GLY A 213 4.28 19.10 -15.27
N LYS A 214 5.48 18.71 -15.67
CA LYS A 214 6.02 19.00 -17.00
C LYS A 214 7.27 18.15 -17.20
N PRO A 215 7.69 17.94 -18.45
CA PRO A 215 8.84 17.04 -18.69
C PRO A 215 10.14 17.69 -18.27
N ARG A 216 10.82 17.04 -17.33
CA ARG A 216 12.17 17.43 -16.98
C ARG A 216 13.18 16.75 -17.91
N GLU A 217 12.86 15.54 -18.35
CA GLU A 217 13.67 14.83 -19.32
C GLU A 217 12.75 14.00 -20.20
N GLN A 218 13.20 13.76 -21.43
CA GLN A 218 12.40 13.04 -22.40
C GLN A 218 12.80 11.57 -22.32
N ILE A 219 11.86 10.71 -21.93
CA ILE A 219 12.11 9.28 -21.78
C ILE A 219 11.30 8.53 -22.83
N ASP A 220 11.99 7.67 -23.59
CA ASP A 220 11.33 6.72 -24.48
C ASP A 220 10.92 5.52 -23.64
N GLY A 221 9.61 5.35 -23.43
CA GLY A 221 9.14 4.31 -22.55
C GLY A 221 9.42 2.90 -23.02
N TYR A 222 9.42 2.68 -24.34
CA TYR A 222 9.74 1.36 -24.85
C TYR A 222 11.20 1.01 -24.56
N VAL A 223 12.12 1.95 -24.80
CA VAL A 223 13.53 1.70 -24.50
C VAL A 223 13.73 1.53 -23.00
N MET A 224 13.03 2.32 -22.18
CA MET A 224 13.31 2.26 -20.75
C MET A 224 12.87 0.93 -20.16
N HIS A 225 11.73 0.39 -20.60
CA HIS A 225 11.35 -0.93 -20.11
C HIS A 225 12.37 -1.97 -20.53
N ALA A 226 12.87 -1.87 -21.76
CA ALA A 226 13.93 -2.77 -22.20
C ALA A 226 15.16 -2.62 -21.32
N ASN A 227 15.47 -1.38 -20.90
CA ASN A 227 16.59 -1.13 -19.99
C ASN A 227 16.33 -1.77 -18.62
N TYR A 228 15.07 -1.73 -18.17
CA TYR A 228 14.72 -2.35 -16.90
C TYR A 228 14.92 -3.87 -16.95
N ILE A 229 14.42 -4.51 -18.02
CA ILE A 229 14.56 -5.95 -18.18
C ILE A 229 16.03 -6.32 -18.31
N PHE A 230 16.79 -5.52 -19.05
CA PHE A 230 18.22 -5.80 -19.15
C PHE A 230 18.88 -5.77 -17.78
N TRP A 231 18.54 -4.77 -16.95
CA TRP A 231 19.08 -4.72 -15.60
C TRP A 231 18.72 -5.99 -14.82
N ARG A 232 17.42 -6.33 -14.76
CA ARG A 232 17.01 -7.56 -14.08
C ARG A 232 17.69 -8.79 -14.65
N ASN A 233 17.80 -8.88 -15.98
CA ASN A 233 18.38 -10.06 -16.60
C ASN A 233 19.84 -10.26 -16.24
N THR A 234 20.56 -9.22 -15.83
CA THR A 234 22.01 -9.32 -15.64
C THR A 234 22.42 -9.09 -14.20
N ASN A 235 21.47 -8.79 -13.31
CA ASN A 235 21.77 -8.53 -11.90
C ASN A 235 20.86 -9.38 -11.02
N PRO A 236 21.23 -10.63 -10.76
CA PRO A 236 20.48 -11.42 -9.79
C PRO A 236 20.41 -10.69 -8.46
N ILE A 237 19.23 -10.68 -7.87
CA ILE A 237 19.05 -10.11 -6.54
C ILE A 237 18.78 -11.26 -5.58
N GLN A 238 19.61 -11.37 -4.55
CA GLN A 238 19.42 -12.40 -3.53
C GLN A 238 18.12 -12.15 -2.75
N LEU A 239 17.26 -13.14 -2.69
CA LEU A 239 16.05 -13.04 -1.88
C LEU A 239 16.42 -12.76 -0.43
N SER A 240 15.70 -11.83 0.20
CA SER A 240 16.07 -11.47 1.55
C SER A 240 14.87 -10.89 2.28
N SER A 241 14.69 -11.33 3.52
N SER A 241 14.69 -11.35 3.52
CA SER A 241 13.70 -10.76 4.42
CA SER A 241 13.71 -10.80 4.45
C SER A 241 14.33 -9.91 5.50
C SER A 241 14.37 -10.09 5.62
N TYR A 242 15.66 -9.74 5.48
CA TYR A 242 16.41 -9.16 6.60
C TYR A 242 15.79 -7.86 7.11
N SER A 243 15.46 -6.94 6.20
CA SER A 243 15.00 -5.62 6.63
C SER A 243 13.68 -5.71 7.39
N LEU A 244 12.94 -6.82 7.25
CA LEU A 244 11.64 -6.93 7.91
C LEU A 244 11.78 -6.94 9.41
N PHE A 245 12.96 -7.29 9.93
CA PHE A 245 13.17 -7.49 11.34
C PHE A 245 13.57 -6.21 12.07
N ASP A 246 13.74 -5.10 11.37
CA ASP A 246 14.06 -3.84 12.03
C ASP A 246 13.02 -2.80 11.64
N MET A 247 12.05 -2.59 12.52
CA MET A 247 10.95 -1.67 12.27
C MET A 247 11.08 -0.39 13.07
N SER A 248 12.19 -0.20 13.78
CA SER A 248 12.30 0.93 14.69
C SER A 248 12.24 2.28 13.97
N LYS A 249 12.66 2.34 12.70
CA LYS A 249 12.65 3.61 11.97
C LYS A 249 11.60 3.60 10.86
N PHE A 250 10.59 2.75 10.99
CA PHE A 250 9.63 2.56 9.91
C PHE A 250 8.71 3.75 9.65
N PRO A 251 8.09 4.39 10.66
CA PRO A 251 7.08 5.41 10.35
C PRO A 251 7.62 6.52 9.46
N LEU A 252 6.84 6.89 8.45
CA LEU A 252 7.14 8.07 7.64
C LEU A 252 7.17 9.31 8.53
N LYS A 253 8.28 10.05 8.49
CA LYS A 253 8.38 11.23 9.35
C LYS A 253 7.42 12.30 8.86
N LEU A 254 6.65 12.87 9.79
CA LEU A 254 5.71 13.93 9.44
C LEU A 254 6.52 15.20 9.26
N ARG A 255 6.83 15.52 8.00
N ARG A 255 6.84 15.52 8.01
CA ARG A 255 7.66 16.69 7.70
CA ARG A 255 7.67 16.68 7.71
C ARG A 255 6.90 18.00 7.75
C ARG A 255 6.90 18.00 7.74
N GLY A 256 5.57 17.95 7.81
CA GLY A 256 4.76 19.17 7.76
C GLY A 256 4.99 20.00 6.52
N THR A 257 5.27 19.35 5.38
CA THR A 257 5.58 20.06 4.15
C THR A 257 4.52 21.11 3.84
N ALA A 258 4.97 22.29 3.42
CA ALA A 258 4.05 23.36 3.05
C ALA A 258 3.17 22.96 1.87
N VAL A 259 1.92 23.39 1.92
CA VAL A 259 0.95 23.22 0.86
C VAL A 259 0.56 24.61 0.39
N MET A 260 0.53 24.81 -0.92
CA MET A 260 0.15 26.09 -1.48
C MET A 260 -0.73 25.90 -2.70
N SER A 261 -1.65 26.81 -2.88
CA SER A 261 -2.47 26.88 -4.08
C SER A 261 -1.81 27.91 -4.98
N LEU A 262 -1.27 27.47 -6.12
CA LEU A 262 -0.63 28.37 -7.07
C LEU A 262 -1.17 28.12 -8.46
N LYS A 263 -1.22 29.20 -9.24
CA LYS A 263 -1.64 29.13 -10.64
C LYS A 263 -0.41 28.92 -11.52
N GLU A 264 -0.64 28.38 -12.72
CA GLU A 264 0.47 27.99 -13.59
C GLU A 264 1.46 29.13 -13.81
N GLY A 265 0.95 30.35 -13.97
CA GLY A 265 1.86 31.48 -14.18
C GLY A 265 2.80 31.76 -13.02
N GLN A 266 2.56 31.18 -11.84
CA GLN A 266 3.33 31.50 -10.65
C GLN A 266 4.42 30.49 -10.35
N ILE A 267 4.46 29.36 -11.04
CA ILE A 267 5.45 28.32 -10.78
C ILE A 267 6.74 28.68 -11.50
N ASN A 268 7.64 29.36 -10.80
CA ASN A 268 8.93 29.78 -11.32
C ASN A 268 10.01 28.75 -10.95
N ASP A 269 11.27 29.08 -11.26
CA ASP A 269 12.36 28.14 -11.02
C ASP A 269 12.56 27.89 -9.54
N MET A 270 12.34 28.91 -8.70
CA MET A 270 12.46 28.73 -7.26
C MET A 270 11.40 27.77 -6.73
N ILE A 271 10.16 27.94 -7.19
CA ILE A 271 9.11 26.99 -6.82
C ILE A 271 9.49 25.57 -7.27
N LEU A 272 9.91 25.44 -8.53
CA LEU A 272 10.28 24.13 -9.05
C LEU A 272 11.44 23.53 -8.26
N SER A 273 12.32 24.37 -7.71
CA SER A 273 13.42 23.87 -6.91
C SER A 273 12.92 23.30 -5.59
N LEU A 274 12.02 24.02 -4.92
CA LEU A 274 11.40 23.51 -3.70
C LEU A 274 10.61 22.24 -3.97
N LEU A 275 9.88 22.19 -5.09
CA LEU A 275 9.17 20.97 -5.43
C LEU A 275 10.13 19.82 -5.57
N SER A 276 11.28 20.06 -6.20
CA SER A 276 12.25 19.02 -6.48
C SER A 276 12.89 18.49 -5.21
N LYS A 277 12.98 19.31 -4.17
CA LYS A 277 13.64 18.93 -2.92
C LYS A 277 12.67 18.31 -1.91
N GLY A 278 11.44 18.02 -2.31
CA GLY A 278 10.48 17.47 -1.37
C GLY A 278 9.99 18.47 -0.35
N ARG A 279 10.11 19.77 -0.63
CA ARG A 279 9.82 20.79 0.36
C ARG A 279 8.52 21.58 0.07
N LEU A 280 7.72 21.16 -0.91
CA LEU A 280 6.55 21.96 -1.30
C LEU A 280 5.52 21.07 -1.99
N ILE A 281 4.25 21.27 -1.63
CA ILE A 281 3.11 20.63 -2.31
C ILE A 281 2.22 21.75 -2.86
N ILE A 282 1.82 21.62 -4.11
CA ILE A 282 0.91 22.61 -4.71
C ILE A 282 -0.39 21.91 -5.06
N ARG A 283 -1.48 22.36 -4.41
CA ARG A 283 -2.85 21.88 -4.61
C ARG A 283 -3.71 22.68 -3.65
N GLU A 284 -5.02 22.54 -3.79
N GLU A 284 -5.02 22.57 -3.79
CA GLU A 284 -5.93 23.12 -2.81
CA GLU A 284 -5.92 23.13 -2.80
C GLU A 284 -5.98 22.21 -1.60
C GLU A 284 -5.96 22.21 -1.58
N ASN A 285 -6.32 22.80 -0.45
CA ASN A 285 -6.52 22.04 0.79
C ASN A 285 -7.99 21.98 1.15
N ASN A 286 -8.81 21.71 0.13
CA ASN A 286 -10.25 21.60 0.31
C ASN A 286 -10.58 20.24 0.91
N ARG A 287 -11.87 19.95 1.01
CA ARG A 287 -12.36 18.67 1.49
C ARG A 287 -12.18 17.61 0.40
N VAL A 288 -11.88 16.40 0.84
CA VAL A 288 -11.62 15.28 -0.06
C VAL A 288 -12.92 14.55 -0.37
N VAL A 289 -13.31 14.54 -1.64
CA VAL A 289 -14.56 13.97 -2.10
C VAL A 289 -14.27 13.03 -3.26
N ILE A 290 -14.76 11.81 -3.17
CA ILE A 290 -14.55 10.80 -4.19
C ILE A 290 -15.88 10.21 -4.62
N SER A 291 -15.89 9.54 -5.76
CA SER A 291 -17.07 8.79 -6.18
C SER A 291 -16.64 7.71 -7.17
N SER A 292 -17.52 6.74 -7.36
CA SER A 292 -17.34 5.76 -8.43
C SER A 292 -18.57 5.71 -9.30
N ASP A 293 -18.33 5.68 -10.61
CA ASP A 293 -19.41 5.60 -11.58
C ASP A 293 -20.11 4.25 -11.48
N VAL A 294 -21.42 4.25 -11.62
CA VAL A 294 -22.21 3.02 -11.60
C VAL A 294 -23.05 2.95 -12.86
N LEU A 295 -22.85 1.90 -13.65
CA LEU A 295 -23.65 1.65 -14.82
C LEU A 295 -24.98 1.03 -14.40
N VAL A 296 -26.08 1.57 -14.92
CA VAL A 296 -27.41 1.15 -14.53
C VAL A 296 -28.03 0.35 -15.66
N ASN A 297 -28.47 -0.88 -15.34
CA ASN A 297 -29.11 -1.79 -16.28
C ASN A 297 -30.34 -2.39 -15.61
N ASN A 298 -31.38 -2.61 -16.40
CA ASN A 298 -32.57 -3.35 -15.98
C ASN A 298 -32.61 -4.59 -16.86
N GLU A 299 -32.27 -5.73 -16.29
N GLU A 299 -32.29 -5.75 -16.27
CA GLU A 299 -32.19 -6.99 -17.04
CA GLU A 299 -32.20 -6.98 -17.05
C GLU A 299 -33.55 -7.67 -17.22
C GLU A 299 -33.57 -7.50 -17.47
N ASN A 300 -34.64 -6.99 -16.87
CA ASN A 300 -35.96 -7.54 -17.09
C ASN A 300 -36.49 -7.12 -18.49
N ALA B 19 -39.04 -9.05 15.63
CA ALA B 19 -37.95 -9.02 16.60
C ALA B 19 -36.72 -9.83 16.14
N PHE B 20 -36.67 -10.18 14.86
CA PHE B 20 -35.59 -11.03 14.35
C PHE B 20 -34.36 -10.21 13.97
N ALA B 21 -33.18 -10.75 14.32
CA ALA B 21 -31.90 -10.25 13.85
C ALA B 21 -30.87 -11.37 13.93
N VAL B 22 -30.05 -11.51 12.89
CA VAL B 22 -29.01 -12.53 12.90
C VAL B 22 -28.04 -12.23 14.04
N ASP B 23 -27.72 -13.27 14.82
CA ASP B 23 -26.79 -13.14 15.94
C ASP B 23 -25.45 -13.76 15.53
N ALA B 24 -24.61 -12.96 14.86
CA ALA B 24 -23.38 -13.50 14.29
C ALA B 24 -22.38 -13.85 15.38
N ALA B 25 -22.29 -13.04 16.44
CA ALA B 25 -21.36 -13.33 17.52
C ALA B 25 -21.66 -14.68 18.15
N LYS B 26 -22.94 -15.00 18.36
CA LYS B 26 -23.27 -16.30 18.92
C LYS B 26 -22.90 -17.44 17.97
N ALA B 27 -23.19 -17.26 16.69
CA ALA B 27 -22.91 -18.33 15.71
C ALA B 27 -21.43 -18.65 15.67
N TYR B 28 -20.58 -17.62 15.61
CA TYR B 28 -19.14 -17.89 15.57
C TYR B 28 -18.68 -18.61 16.84
N LYS B 29 -19.21 -18.20 18.00
CA LYS B 29 -18.84 -18.85 19.25
C LYS B 29 -19.23 -20.33 19.24
N ASP B 30 -20.48 -20.63 18.86
CA ASP B 30 -20.91 -22.03 18.78
C ASP B 30 -20.12 -22.80 17.73
N TYR B 31 -19.87 -22.18 16.57
CA TYR B 31 -19.05 -22.81 15.54
C TYR B 31 -17.67 -23.20 16.09
N LEU B 32 -16.99 -22.27 16.76
CA LEU B 32 -15.70 -22.58 17.38
C LEU B 32 -15.82 -23.71 18.39
N ALA B 33 -16.87 -23.69 19.20
CA ALA B 33 -17.01 -24.66 20.28
C ALA B 33 -17.19 -26.07 19.77
N SER B 34 -17.76 -26.23 18.58
CA SER B 34 -17.93 -27.53 17.96
C SER B 34 -16.75 -27.92 17.08
N GLY B 35 -15.64 -27.22 17.18
CA GLY B 35 -14.42 -27.60 16.51
C GLY B 35 -14.12 -26.93 15.20
N GLY B 36 -14.85 -25.87 14.84
CA GLY B 36 -14.62 -25.21 13.56
C GLY B 36 -13.29 -24.48 13.53
N GLN B 37 -12.72 -24.38 12.33
CA GLN B 37 -11.44 -23.71 12.20
C GLN B 37 -11.64 -22.19 12.26
N PRO B 38 -10.82 -21.48 13.04
CA PRO B 38 -11.01 -20.03 13.17
C PRO B 38 -10.87 -19.31 11.83
N ILE B 39 -11.49 -18.13 11.77
CA ILE B 39 -11.35 -17.28 10.60
C ILE B 39 -9.88 -16.98 10.37
N THR B 40 -9.42 -17.15 9.13
CA THR B 40 -8.03 -16.96 8.77
C THR B 40 -7.83 -15.65 8.02
N ASN B 41 -6.60 -15.44 7.60
CA ASN B 41 -6.19 -14.30 6.78
C ASN B 41 -6.35 -12.97 7.50
N CYS B 42 -6.40 -12.97 8.83
CA CYS B 42 -6.23 -11.71 9.55
C CYS B 42 -4.84 -11.16 9.24
N VAL B 43 -4.77 -9.85 9.02
CA VAL B 43 -3.55 -9.23 8.47
C VAL B 43 -2.60 -8.90 9.63
N LYS B 44 -1.55 -9.72 9.79
CA LYS B 44 -0.57 -9.49 10.83
C LYS B 44 0.49 -8.48 10.39
N MET B 45 0.85 -7.55 11.28
CA MET B 45 1.79 -6.49 10.93
C MET B 45 3.19 -6.83 11.39
N LEU B 46 4.18 -6.26 10.70
CA LEU B 46 5.53 -6.23 11.23
C LEU B 46 5.66 -5.04 12.17
N CYS B 47 6.34 -5.26 13.28
CA CYS B 47 6.53 -4.18 14.25
C CYS B 47 7.67 -4.55 15.17
N THR B 48 8.01 -3.65 16.08
CA THR B 48 9.14 -3.88 16.97
C THR B 48 8.80 -4.81 18.12
N HIS B 49 7.52 -4.94 18.47
CA HIS B 49 7.10 -5.65 19.68
C HIS B 49 7.70 -5.03 20.93
N THR B 50 7.90 -3.71 20.89
CA THR B 50 8.26 -2.94 22.07
C THR B 50 7.22 -1.87 22.36
N GLY B 51 6.00 -2.06 21.87
CA GLY B 51 4.94 -1.10 22.03
C GLY B 51 4.29 -1.20 23.38
N THR B 52 3.21 -0.44 23.54
CA THR B 52 2.57 -0.27 24.85
C THR B 52 1.72 -1.46 25.25
N GLY B 53 1.41 -2.36 24.33
CA GLY B 53 0.54 -3.47 24.67
C GLY B 53 -0.93 -3.13 24.83
N GLN B 54 -1.35 -1.90 24.53
CA GLN B 54 -2.77 -1.58 24.61
C GLN B 54 -3.55 -2.29 23.51
N ALA B 55 -4.86 -2.40 23.73
CA ALA B 55 -5.68 -3.33 22.95
C ALA B 55 -5.89 -2.85 21.52
N ILE B 56 -6.37 -1.63 21.34
CA ILE B 56 -6.74 -1.11 20.02
C ILE B 56 -6.09 0.25 19.84
N THR B 57 -5.27 0.41 18.80
CA THR B 57 -4.44 1.61 18.72
C THR B 57 -4.35 2.11 17.29
N VAL B 58 -3.93 3.36 17.15
CA VAL B 58 -3.86 3.97 15.83
C VAL B 58 -2.67 3.46 15.03
N THR B 59 -1.71 2.82 15.69
CA THR B 59 -0.56 2.21 15.03
C THR B 59 -0.21 0.95 15.82
N PRO B 60 0.45 -0.02 15.18
CA PRO B 60 0.81 -1.26 15.89
C PRO B 60 1.55 -1.02 17.20
N GLU B 61 1.08 -1.68 18.26
CA GLU B 61 1.61 -1.48 19.60
C GLU B 61 1.88 -2.79 20.34
N ALA B 62 2.08 -3.89 19.62
CA ALA B 62 2.37 -5.15 20.28
C ALA B 62 3.56 -5.01 21.21
N ASN B 63 3.48 -5.63 22.38
CA ASN B 63 4.66 -5.82 23.21
C ASN B 63 5.28 -7.18 22.86
N MET B 64 6.18 -7.69 23.71
CA MET B 64 6.85 -8.95 23.45
C MET B 64 5.89 -10.13 23.47
N ASP B 65 4.75 -9.99 24.14
CA ASP B 65 3.81 -11.09 24.29
C ASP B 65 2.61 -10.98 23.37
N GLN B 66 2.71 -10.19 22.30
CA GLN B 66 1.56 -9.91 21.46
C GLN B 66 1.95 -9.89 20.00
N GLU B 67 0.94 -10.02 19.15
CA GLU B 67 1.01 -9.72 17.73
C GLU B 67 0.06 -8.59 17.42
N SER B 68 0.39 -7.76 16.43
CA SER B 68 -0.46 -6.67 15.99
C SER B 68 -1.10 -7.01 14.65
N PHE B 69 -2.39 -6.69 14.51
CA PHE B 69 -3.14 -7.00 13.31
C PHE B 69 -3.89 -5.77 12.81
N GLY B 70 -4.04 -5.69 11.49
CA GLY B 70 -4.98 -4.76 10.90
C GLY B 70 -6.36 -4.95 11.49
N GLY B 71 -7.00 -3.87 11.93
CA GLY B 71 -8.20 -4.02 12.74
C GLY B 71 -9.36 -4.63 11.96
N ALA B 72 -9.60 -4.13 10.75
CA ALA B 72 -10.75 -4.61 9.98
C ALA B 72 -10.69 -6.11 9.73
N SER B 73 -9.49 -6.65 9.51
CA SER B 73 -9.39 -8.07 9.22
C SER B 73 -9.67 -8.94 10.46
N CYS B 74 -9.76 -8.33 11.64
CA CYS B 74 -10.08 -9.04 12.88
C CYS B 74 -11.49 -8.76 13.38
N CYS B 75 -12.29 -8.03 12.61
CA CYS B 75 -13.66 -7.73 13.01
C CYS B 75 -14.60 -8.75 12.39
N LEU B 76 -15.36 -9.45 13.24
CA LEU B 76 -16.32 -10.43 12.75
C LEU B 76 -17.30 -9.80 11.78
N TYR B 77 -17.77 -8.59 12.09
CA TYR B 77 -18.80 -7.97 11.26
C TYR B 77 -18.21 -7.47 9.96
N CYS B 78 -17.01 -6.88 10.00
CA CYS B 78 -16.35 -6.50 8.77
C CYS B 78 -16.15 -7.72 7.87
N ARG B 79 -15.58 -8.81 8.42
CA ARG B 79 -15.21 -9.96 7.60
C ARG B 79 -16.42 -10.69 7.05
N CYS B 80 -17.54 -10.67 7.76
CA CYS B 80 -18.72 -11.39 7.32
C CYS B 80 -19.65 -10.55 6.45
N HIS B 81 -19.32 -9.28 6.21
CA HIS B 81 -20.17 -8.39 5.41
C HIS B 81 -21.54 -8.24 6.06
N ILE B 82 -21.55 -7.96 7.36
CA ILE B 82 -22.79 -7.77 8.09
C ILE B 82 -22.70 -6.50 8.91
N ASP B 83 -23.86 -6.03 9.36
CA ASP B 83 -23.95 -4.77 10.09
C ASP B 83 -23.28 -4.90 11.45
N HIS B 84 -22.74 -3.78 11.93
CA HIS B 84 -22.14 -3.80 13.25
C HIS B 84 -23.22 -3.58 14.31
N PRO B 85 -23.07 -4.16 15.51
CA PRO B 85 -24.11 -4.01 16.53
C PRO B 85 -24.17 -2.61 17.14
N ASN B 86 -23.15 -1.77 16.92
CA ASN B 86 -23.30 -0.36 17.20
C ASN B 86 -24.55 0.18 16.51
N PRO B 87 -25.46 0.83 17.23
CA PRO B 87 -26.66 1.40 16.56
C PRO B 87 -26.33 2.39 15.45
N LYS B 88 -25.16 3.03 15.48
CA LYS B 88 -24.67 3.85 14.38
C LYS B 88 -23.90 3.05 13.34
N GLY B 89 -23.73 1.74 13.55
CA GLY B 89 -22.98 0.91 12.62
C GLY B 89 -21.49 1.19 12.58
N PHE B 90 -20.95 1.86 13.60
CA PHE B 90 -19.54 2.22 13.69
C PHE B 90 -18.74 1.02 14.19
N CYS B 91 -17.49 0.91 13.71
CA CYS B 91 -16.61 -0.22 14.02
C CYS B 91 -15.46 0.21 14.91
N ASP B 92 -15.26 -0.54 16.00
CA ASP B 92 -14.16 -0.29 16.94
C ASP B 92 -12.79 -0.57 16.35
N LEU B 93 -12.70 -1.40 15.31
CA LEU B 93 -11.43 -1.94 14.87
C LEU B 93 -10.97 -1.37 13.55
N LYS B 94 -11.90 -1.07 12.65
CA LYS B 94 -11.55 -0.67 11.30
C LYS B 94 -10.68 0.57 11.32
N GLY B 95 -9.60 0.54 10.55
CA GLY B 95 -8.68 1.65 10.48
C GLY B 95 -7.77 1.79 11.67
N LYS B 96 -7.82 0.86 12.63
CA LYS B 96 -6.91 0.81 13.75
C LYS B 96 -6.17 -0.53 13.75
N TYR B 97 -5.36 -0.74 14.78
CA TYR B 97 -4.58 -1.96 14.95
C TYR B 97 -4.98 -2.60 16.27
N VAL B 98 -5.18 -3.91 16.26
CA VAL B 98 -5.54 -4.63 17.46
C VAL B 98 -4.35 -5.48 17.87
N GLN B 99 -4.00 -5.44 19.15
CA GLN B 99 -2.97 -6.26 19.74
C GLN B 99 -3.58 -7.54 20.29
N ILE B 100 -3.08 -8.70 19.86
CA ILE B 100 -3.61 -9.99 20.28
C ILE B 100 -2.51 -10.71 21.02
N PRO B 101 -2.76 -11.23 22.23
CA PRO B 101 -1.78 -12.12 22.88
C PRO B 101 -1.33 -13.19 21.90
N THR B 102 -0.01 -13.44 21.89
CA THR B 102 0.54 -14.44 20.99
C THR B 102 -0.07 -15.81 21.23
N THR B 103 -0.42 -16.13 22.47
CA THR B 103 -1.06 -17.41 22.72
C THR B 103 -2.45 -17.53 22.09
N CYS B 104 -3.05 -16.43 21.65
CA CYS B 104 -4.40 -16.45 21.08
C CYS B 104 -4.43 -16.03 19.62
N ALA B 105 -3.26 -15.83 19.00
CA ALA B 105 -3.19 -15.28 17.66
C ALA B 105 -3.60 -16.26 16.58
N ASN B 106 -3.89 -17.52 16.92
CA ASN B 106 -4.52 -18.41 15.96
C ASN B 106 -5.95 -17.99 15.64
N ASP B 107 -6.56 -17.12 16.44
CA ASP B 107 -7.98 -16.74 16.28
C ASP B 107 -8.20 -15.31 16.73
N PRO B 108 -7.67 -14.33 15.99
CA PRO B 108 -7.88 -12.93 16.40
C PRO B 108 -9.34 -12.53 16.43
N VAL B 109 -10.11 -12.94 15.44
CA VAL B 109 -11.53 -12.59 15.39
C VAL B 109 -12.23 -13.13 16.63
N GLY B 110 -11.99 -14.39 16.96
CA GLY B 110 -12.58 -14.94 18.16
C GLY B 110 -12.11 -14.22 19.40
N PHE B 111 -10.83 -13.84 19.43
CA PHE B 111 -10.31 -13.13 20.60
C PHE B 111 -11.01 -11.80 20.78
N THR B 112 -11.05 -10.97 19.74
CA THR B 112 -11.62 -9.63 19.88
C THR B 112 -13.11 -9.69 20.20
N LEU B 113 -13.81 -10.70 19.69
CA LEU B 113 -15.23 -10.85 19.98
C LEU B 113 -15.45 -11.18 21.44
N LYS B 114 -14.66 -12.12 21.96
CA LYS B 114 -14.89 -12.67 23.30
C LYS B 114 -14.43 -11.76 24.41
N ASN B 115 -13.53 -10.81 24.12
CA ASN B 115 -12.90 -10.03 25.18
C ASN B 115 -13.33 -8.58 25.11
N THR B 116 -13.03 -7.84 26.18
CA THR B 116 -13.40 -6.44 26.28
C THR B 116 -12.20 -5.61 26.74
N VAL B 117 -12.08 -4.41 26.17
CA VAL B 117 -11.01 -3.47 26.50
C VAL B 117 -11.38 -2.67 27.76
N CYS B 118 -10.41 -2.49 28.66
CA CYS B 118 -10.61 -1.63 29.83
C CYS B 118 -10.74 -0.17 29.43
N THR B 119 -11.83 0.46 29.86
CA THR B 119 -12.09 1.84 29.51
C THR B 119 -11.13 2.81 30.21
N VAL B 120 -10.46 2.37 31.27
CA VAL B 120 -9.53 3.23 32.00
C VAL B 120 -8.14 3.22 31.36
N CYS B 121 -7.52 2.03 31.25
CA CYS B 121 -6.12 1.94 30.84
C CYS B 121 -5.93 1.45 29.41
N GLY B 122 -6.99 1.05 28.72
CA GLY B 122 -6.88 0.66 27.33
C GLY B 122 -6.29 -0.71 27.05
N MET B 123 -5.98 -1.49 28.09
CA MET B 123 -5.53 -2.87 27.96
C MET B 123 -6.72 -3.81 27.90
N TRP B 124 -6.47 -5.04 27.42
CA TRP B 124 -7.52 -6.05 27.47
C TRP B 124 -7.73 -6.48 28.91
N LYS B 125 -8.99 -6.54 29.34
CA LYS B 125 -9.29 -7.10 30.65
C LYS B 125 -8.77 -8.52 30.70
N GLY B 126 -8.02 -8.85 31.77
CA GLY B 126 -7.41 -10.16 31.88
C GLY B 126 -6.26 -10.44 30.95
N TYR B 127 -5.86 -9.52 30.08
CA TYR B 127 -4.68 -9.72 29.24
C TYR B 127 -3.86 -8.44 29.18
N GLY B 128 -3.63 -7.85 30.36
CA GLY B 128 -2.86 -6.62 30.43
C GLY B 128 -3.37 -5.61 31.44
N CYS B 129 -4.68 -5.58 31.70
CA CYS B 129 -5.25 -4.60 32.62
C CYS B 129 -5.00 -5.01 34.05
N SER B 130 -4.37 -4.13 34.83
CA SER B 130 -4.08 -4.37 36.24
C SER B 130 -4.87 -3.46 37.17
N CYS B 131 -5.94 -2.82 36.67
CA CYS B 131 -6.68 -1.85 37.47
C CYS B 131 -7.39 -2.46 38.67
N ASP B 132 -7.47 -3.79 38.75
CA ASP B 132 -8.21 -4.46 39.83
C ASP B 132 -7.29 -4.96 40.95
N GLN B 133 -6.02 -4.56 40.95
CA GLN B 133 -5.11 -4.92 42.05
C GLN B 133 -5.35 -4.08 43.30
#